data_1R6M
#
_entry.id   1R6M
#
_cell.length_a   110.202
_cell.length_b   110.202
_cell.length_c   116.284
_cell.angle_alpha   90.00
_cell.angle_beta   90.00
_cell.angle_gamma   120.00
#
_symmetry.space_group_name_H-M   'H 3 2'
#
loop_
_entity.id
_entity.type
_entity.pdbx_description
1 polymer 'Ribonuclease PH'
2 non-polymer 'PHOSPHATE ION'
3 water water
#
_entity_poly.entity_id   1
_entity_poly.type   'polypeptide(L)'
_entity_poly.pdbx_seq_one_letter_code
;MNRPSGRAADQLRPIRITRHYTKHAEGSVLVEFGDTKVICTVSAESGVPRFLKGQGQGWLTAEYGMLPRSTGERNQREAS
RGKQGGRTLEIQRLIGRSLRAALDLSKLGENTLYIDCDVIQADGGTRTASITGATVALIDALAVLKKRGALKGNPLKQMV
AAVSVGIYQGVPVLDLDYLEDSAAETDLNVVMTDAGGFIEVQGTAEGAPFRPAELNAMLELAQQGMQELFELQRAALAE
;
_entity_poly.pdbx_strand_id   A
#
loop_
_chem_comp.id
_chem_comp.type
_chem_comp.name
_chem_comp.formula
PO4 non-polymer 'PHOSPHATE ION' 'O4 P -3'
#
# COMPACT_ATOMS: atom_id res chain seq x y z
N MET A 1 -21.90 13.09 7.81
CA MET A 1 -22.59 13.04 9.14
C MET A 1 -22.67 11.61 9.68
N ASN A 2 -22.85 10.64 8.77
CA ASN A 2 -22.96 9.25 9.19
C ASN A 2 -22.32 8.26 8.22
N ARG A 3 -21.15 7.75 8.59
CA ARG A 3 -20.42 6.78 7.77
C ARG A 3 -21.16 5.45 7.76
N PRO A 4 -21.38 4.87 6.57
CA PRO A 4 -22.06 3.58 6.41
C PRO A 4 -21.70 2.52 7.44
N SER A 5 -20.41 2.37 7.72
CA SER A 5 -19.94 1.40 8.69
C SER A 5 -20.09 1.90 10.12
N GLY A 6 -20.71 3.07 10.27
CA GLY A 6 -20.91 3.65 11.58
C GLY A 6 -19.60 4.01 12.25
N ARG A 7 -18.54 4.03 11.47
CA ARG A 7 -17.20 4.34 11.96
C ARG A 7 -17.11 5.85 12.19
N ALA A 8 -16.19 6.26 13.05
CA ALA A 8 -15.98 7.69 13.31
C ALA A 8 -15.12 8.27 12.19
N ALA A 9 -15.41 9.49 11.77
CA ALA A 9 -14.69 10.16 10.70
C ALA A 9 -13.17 10.11 10.83
N ASP A 10 -12.66 9.84 12.02
CA ASP A 10 -11.22 9.78 12.22
C ASP A 10 -10.81 8.38 12.70
N GLN A 11 -11.62 7.39 12.39
CA GLN A 11 -11.33 6.03 12.82
C GLN A 11 -11.02 5.07 11.68
N LEU A 12 -9.89 4.38 11.79
CA LEU A 12 -9.48 3.40 10.78
C LEU A 12 -10.37 2.19 10.89
N ARG A 13 -10.41 1.38 9.82
CA ARG A 13 -11.20 0.15 9.84
C ARG A 13 -10.37 -0.83 10.65
N PRO A 14 -10.97 -1.96 11.04
CA PRO A 14 -10.18 -2.93 11.81
C PRO A 14 -9.09 -3.42 10.85
N ILE A 15 -7.84 -3.38 11.31
CA ILE A 15 -6.71 -3.79 10.47
C ILE A 15 -5.95 -5.00 10.99
N ARG A 16 -5.66 -5.94 10.10
CA ARG A 16 -4.92 -7.13 10.48
C ARG A 16 -3.82 -7.41 9.46
N ILE A 17 -2.68 -7.88 9.96
CA ILE A 17 -1.55 -8.17 9.12
C ILE A 17 -1.00 -9.53 9.50
N THR A 18 -1.02 -10.47 8.55
CA THR A 18 -0.53 -11.81 8.79
C THR A 18 0.71 -12.07 7.94
N ARG A 19 1.82 -12.33 8.62
CA ARG A 19 3.09 -12.61 7.97
C ARG A 19 3.20 -14.08 7.60
N HIS A 20 4.15 -14.41 6.74
CA HIS A 20 4.35 -15.79 6.32
C HIS A 20 3.02 -16.39 5.88
N TYR A 21 2.22 -15.60 5.18
CA TYR A 21 0.91 -16.05 4.73
C TYR A 21 0.93 -17.23 3.74
N THR A 22 1.79 -17.17 2.73
CA THR A 22 1.96 -18.26 1.77
C THR A 22 3.44 -18.63 1.86
N LYS A 23 3.74 -19.93 1.73
CA LYS A 23 5.10 -20.45 1.91
C LYS A 23 6.25 -20.32 0.92
N HIS A 24 6.04 -19.79 -0.29
CA HIS A 24 7.17 -19.71 -1.21
C HIS A 24 8.01 -18.44 -1.22
N ALA A 25 7.34 -17.28 -1.16
CA ALA A 25 8.02 -16.00 -1.18
C ALA A 25 8.93 -15.76 0.03
N GLU A 26 9.96 -14.93 -0.16
CA GLU A 26 10.87 -14.62 0.94
C GLU A 26 10.14 -13.77 1.98
N GLY A 27 9.02 -13.20 1.55
CA GLY A 27 8.17 -12.39 2.41
C GLY A 27 6.76 -12.48 1.86
N SER A 28 5.79 -12.82 2.72
CA SER A 28 4.39 -12.95 2.30
C SER A 28 3.45 -12.47 3.39
N VAL A 29 2.58 -11.53 3.04
CA VAL A 29 1.65 -10.96 4.01
C VAL A 29 0.20 -10.86 3.54
N LEU A 30 -0.73 -11.20 4.42
CA LEU A 30 -2.14 -11.01 4.11
C LEU A 30 -2.47 -9.75 4.89
N VAL A 31 -2.76 -8.65 4.20
CA VAL A 31 -3.10 -7.42 4.89
C VAL A 31 -4.59 -7.15 4.74
N GLU A 32 -5.23 -6.78 5.85
CA GLU A 32 -6.66 -6.53 5.81
C GLU A 32 -7.10 -5.19 6.36
N PHE A 33 -7.69 -4.36 5.50
CA PHE A 33 -8.23 -3.08 5.91
C PHE A 33 -9.74 -3.32 5.85
N GLY A 34 -10.31 -3.75 6.97
CA GLY A 34 -11.73 -4.04 6.97
C GLY A 34 -11.96 -5.19 6.01
N ASP A 35 -12.90 -5.01 5.09
CA ASP A 35 -13.19 -6.05 4.13
C ASP A 35 -12.22 -6.08 2.94
N THR A 36 -11.30 -5.13 2.89
CA THR A 36 -10.31 -5.13 1.82
C THR A 36 -9.18 -6.05 2.27
N LYS A 37 -8.97 -7.14 1.53
CA LYS A 37 -7.93 -8.11 1.85
C LYS A 37 -7.00 -8.32 0.67
N VAL A 38 -5.70 -8.13 0.88
CA VAL A 38 -4.73 -8.28 -0.20
C VAL A 38 -3.53 -9.14 0.20
N ILE A 39 -3.12 -10.01 -0.71
CA ILE A 39 -1.97 -10.87 -0.49
C ILE A 39 -0.77 -10.15 -1.08
N CYS A 40 0.19 -9.81 -0.22
CA CYS A 40 1.39 -9.10 -0.65
C CYS A 40 2.65 -9.97 -0.50
N THR A 41 3.28 -10.30 -1.62
CA THR A 41 4.48 -11.12 -1.55
C THR A 41 5.68 -10.39 -2.14
N VAL A 42 6.84 -10.74 -1.63
CA VAL A 42 8.09 -10.18 -2.11
C VAL A 42 8.95 -11.35 -2.57
N SER A 43 9.41 -11.31 -3.81
CA SER A 43 10.23 -12.38 -4.35
C SER A 43 11.64 -11.88 -4.62
N ALA A 44 12.63 -12.49 -3.95
CA ALA A 44 14.04 -12.11 -4.10
C ALA A 44 14.69 -12.83 -5.28
N GLU A 45 15.14 -12.05 -6.26
CA GLU A 45 15.77 -12.58 -7.47
C GLU A 45 17.21 -12.06 -7.60
N SER A 46 18.14 -12.94 -7.95
CA SER A 46 19.53 -12.53 -8.11
C SER A 46 19.73 -11.73 -9.39
N GLY A 47 20.57 -10.69 -9.31
CA GLY A 47 20.83 -9.86 -10.46
C GLY A 47 20.02 -8.58 -10.46
N VAL A 48 20.16 -7.78 -11.51
CA VAL A 48 19.45 -6.51 -11.64
C VAL A 48 19.19 -6.22 -13.12
N PRO A 49 18.18 -5.38 -13.42
CA PRO A 49 17.82 -5.00 -14.79
C PRO A 49 19.00 -4.44 -15.60
N ARG A 50 18.92 -3.16 -15.92
CA ARG A 50 19.96 -2.47 -16.68
C ARG A 50 20.70 -1.51 -15.75
N PHE A 51 21.42 -2.08 -14.79
CA PHE A 51 22.16 -1.28 -13.83
C PHE A 51 23.62 -1.71 -13.68
N LEU A 52 24.28 -1.08 -12.71
CA LEU A 52 25.68 -1.31 -12.36
C LEU A 52 25.96 -0.33 -11.23
N LYS A 53 25.10 0.68 -11.15
CA LYS A 53 25.18 1.72 -10.14
C LYS A 53 25.42 1.13 -8.75
N GLN A 57 23.93 -0.79 -6.81
CA GLN A 57 22.64 -0.72 -6.13
C GLN A 57 21.67 -1.79 -6.61
N GLY A 58 20.71 -2.14 -5.75
CA GLY A 58 19.73 -3.15 -6.09
C GLY A 58 18.50 -2.57 -6.77
N TRP A 59 17.42 -3.35 -6.82
CA TRP A 59 16.20 -2.90 -7.44
C TRP A 59 14.95 -3.59 -6.87
N LEU A 60 13.83 -2.89 -6.99
CA LEU A 60 12.56 -3.38 -6.52
C LEU A 60 11.53 -2.85 -7.51
N THR A 61 10.63 -3.74 -7.91
CA THR A 61 9.58 -3.38 -8.85
C THR A 61 8.32 -4.05 -8.32
N ALA A 62 7.15 -3.52 -8.69
CA ALA A 62 5.91 -4.08 -8.18
C ALA A 62 4.78 -4.26 -9.19
N GLU A 63 3.94 -5.26 -8.93
CA GLU A 63 2.78 -5.51 -9.77
C GLU A 63 1.54 -5.61 -8.89
N TYR A 64 0.39 -5.35 -9.51
CA TYR A 64 -0.88 -5.38 -8.81
C TYR A 64 -1.90 -6.17 -9.64
N GLY A 65 -2.74 -6.94 -8.96
CA GLY A 65 -3.75 -7.72 -9.61
C GLY A 65 -4.96 -7.83 -8.72
N MET A 66 -6.10 -8.16 -9.30
CA MET A 66 -7.34 -8.32 -8.55
C MET A 66 -8.01 -9.60 -9.05
N LEU A 67 -8.53 -10.41 -8.13
CA LEU A 67 -9.23 -11.61 -8.56
C LEU A 67 -10.53 -11.08 -9.20
N PRO A 68 -11.03 -11.73 -10.26
CA PRO A 68 -12.25 -11.25 -10.93
C PRO A 68 -13.46 -10.98 -10.04
N ARG A 69 -13.63 -11.76 -8.98
CA ARG A 69 -14.76 -11.46 -8.11
C ARG A 69 -14.32 -11.00 -6.74
N SER A 70 -13.26 -10.20 -6.72
CA SER A 70 -12.76 -9.60 -5.49
C SER A 70 -13.61 -8.34 -5.34
N THR A 71 -14.26 -7.96 -6.45
CA THR A 71 -15.11 -6.76 -6.52
C THR A 71 -16.61 -7.11 -6.58
N GLY A 72 -17.45 -6.19 -6.12
CA GLY A 72 -18.89 -6.42 -6.12
C GLY A 72 -19.40 -6.96 -7.45
N GLU A 73 -18.98 -6.32 -8.53
CA GLU A 73 -19.35 -6.75 -9.87
C GLU A 73 -18.07 -7.35 -10.44
N ARG A 74 -18.18 -8.52 -11.04
CA ARG A 74 -17.01 -9.18 -11.62
C ARG A 74 -16.24 -8.26 -12.55
N ASN A 75 -14.94 -8.14 -12.33
CA ASN A 75 -14.11 -7.32 -13.20
C ASN A 75 -13.35 -8.26 -14.14
N GLN A 76 -13.29 -7.90 -15.42
CA GLN A 76 -12.61 -8.71 -16.42
C GLN A 76 -11.15 -9.02 -16.07
N ARG A 77 -10.80 -10.30 -16.14
CA ARG A 77 -9.43 -10.73 -15.86
C ARG A 77 -8.54 -10.14 -16.93
N GLU A 78 -7.50 -9.41 -16.52
CA GLU A 78 -6.58 -8.77 -17.45
C GLU A 78 -5.79 -9.76 -18.28
N ALA A 79 -5.51 -10.93 -17.71
CA ALA A 79 -4.77 -11.96 -18.42
C ALA A 79 -5.48 -12.35 -19.70
N SER A 80 -6.81 -12.47 -19.62
CA SER A 80 -7.60 -12.86 -20.77
C SER A 80 -7.99 -11.67 -21.65
N ARG A 81 -7.93 -10.47 -21.09
CA ARG A 81 -8.25 -9.28 -21.87
C ARG A 81 -6.99 -8.88 -22.64
N GLY A 82 -5.87 -9.48 -22.23
CA GLY A 82 -4.59 -9.20 -22.87
C GLY A 82 -4.12 -7.78 -22.73
N LYS A 83 -4.25 -7.21 -21.53
CA LYS A 83 -3.85 -5.83 -21.29
C LYS A 83 -4.17 -5.40 -19.86
N GLN A 84 -3.31 -4.57 -19.28
CA GLN A 84 -3.54 -4.07 -17.92
C GLN A 84 -4.11 -2.67 -18.03
N GLY A 85 -5.26 -2.45 -17.40
CA GLY A 85 -5.91 -1.15 -17.45
C GLY A 85 -5.09 -0.05 -16.80
N GLY A 86 -5.53 1.19 -16.99
CA GLY A 86 -4.83 2.32 -16.40
C GLY A 86 -4.76 2.27 -14.89
N ARG A 87 -5.86 1.89 -14.24
CA ARG A 87 -5.91 1.79 -12.78
C ARG A 87 -4.79 0.88 -12.28
N THR A 88 -4.69 -0.31 -12.87
CA THR A 88 -3.68 -1.27 -12.49
C THR A 88 -2.26 -0.72 -12.56
N LEU A 89 -1.90 -0.15 -13.70
CA LEU A 89 -0.55 0.41 -13.85
C LEU A 89 -0.33 1.52 -12.84
N GLU A 90 -1.32 2.39 -12.69
CA GLU A 90 -1.25 3.49 -11.75
C GLU A 90 -0.92 2.97 -10.35
N ILE A 91 -1.74 2.06 -9.87
CA ILE A 91 -1.54 1.48 -8.55
C ILE A 91 -0.17 0.79 -8.48
N GLN A 92 0.18 0.05 -9.52
CA GLN A 92 1.46 -0.64 -9.58
C GLN A 92 2.64 0.31 -9.40
N ARG A 93 2.65 1.37 -10.21
CA ARG A 93 3.74 2.34 -10.14
C ARG A 93 3.80 2.93 -8.75
N LEU A 94 2.64 3.29 -8.20
CA LEU A 94 2.61 3.85 -6.85
C LEU A 94 3.30 2.91 -5.86
N ILE A 95 2.90 1.64 -5.85
CA ILE A 95 3.50 0.66 -4.95
C ILE A 95 5.02 0.61 -5.07
N GLY A 96 5.50 0.48 -6.30
CA GLY A 96 6.94 0.40 -6.52
C GLY A 96 7.68 1.61 -5.98
N ARG A 97 7.20 2.80 -6.29
CA ARG A 97 7.84 4.03 -5.80
C ARG A 97 7.85 4.05 -4.29
N SER A 98 6.69 3.77 -3.70
CA SER A 98 6.56 3.77 -2.26
C SER A 98 7.54 2.85 -1.56
N LEU A 99 7.64 1.61 -2.03
CA LEU A 99 8.55 0.68 -1.40
C LEU A 99 10.02 0.93 -1.73
N ARG A 100 10.29 1.58 -2.87
CA ARG A 100 11.68 1.88 -3.20
C ARG A 100 12.15 2.98 -2.25
N ALA A 101 11.23 3.87 -1.89
CA ALA A 101 11.52 4.99 -1.00
C ALA A 101 11.86 4.52 0.40
N ALA A 102 11.47 3.31 0.75
CA ALA A 102 11.75 2.78 2.07
C ALA A 102 13.13 2.12 2.11
N LEU A 103 13.77 2.05 0.95
CA LEU A 103 15.06 1.39 0.85
C LEU A 103 16.24 2.21 0.37
N ASP A 104 17.42 1.79 0.83
CA ASP A 104 18.68 2.38 0.43
C ASP A 104 19.11 1.30 -0.56
N LEU A 105 18.71 1.48 -1.81
CA LEU A 105 19.01 0.50 -2.85
C LEU A 105 20.47 0.06 -2.94
N SER A 106 21.39 0.96 -2.61
CA SER A 106 22.81 0.61 -2.67
C SER A 106 23.15 -0.55 -1.75
N LYS A 107 22.54 -0.57 -0.57
CA LYS A 107 22.80 -1.63 0.41
C LYS A 107 22.07 -2.93 0.12
N LEU A 108 21.15 -2.89 -0.85
CA LEU A 108 20.38 -4.08 -1.22
C LEU A 108 21.22 -5.14 -1.90
N GLY A 109 22.29 -4.71 -2.57
CA GLY A 109 23.14 -5.64 -3.27
C GLY A 109 22.69 -5.66 -4.72
N GLU A 110 23.22 -6.60 -5.51
CA GLU A 110 22.82 -6.67 -6.90
C GLU A 110 21.65 -7.64 -7.06
N ASN A 111 20.68 -7.52 -6.17
CA ASN A 111 19.50 -8.36 -6.18
C ASN A 111 18.28 -7.54 -6.59
N THR A 112 17.25 -8.22 -7.07
CA THR A 112 16.02 -7.55 -7.48
C THR A 112 14.84 -8.11 -6.68
N LEU A 113 14.01 -7.22 -6.15
CA LEU A 113 12.85 -7.61 -5.38
C LEU A 113 11.59 -7.40 -6.19
N TYR A 114 10.76 -8.45 -6.29
CA TYR A 114 9.52 -8.36 -7.02
C TYR A 114 8.38 -8.37 -6.01
N ILE A 115 7.65 -7.26 -5.97
CA ILE A 115 6.51 -7.10 -5.07
C ILE A 115 5.23 -7.45 -5.82
N ASP A 116 4.47 -8.41 -5.31
CA ASP A 116 3.21 -8.78 -5.95
C ASP A 116 2.05 -8.56 -4.99
N CYS A 117 1.15 -7.64 -5.33
CA CYS A 117 0.00 -7.36 -4.50
C CYS A 117 -1.26 -7.77 -5.23
N ASP A 118 -1.90 -8.82 -4.72
CA ASP A 118 -3.12 -9.32 -5.33
C ASP A 118 -4.33 -9.27 -4.42
N VAL A 119 -5.33 -8.56 -4.87
CA VAL A 119 -6.56 -8.38 -4.12
C VAL A 119 -7.50 -9.56 -4.20
N ILE A 120 -7.79 -10.17 -3.06
CA ILE A 120 -8.67 -11.31 -3.04
C ILE A 120 -10.09 -10.87 -2.72
N GLN A 121 -10.18 -9.71 -2.08
CA GLN A 121 -11.46 -9.10 -1.74
C GLN A 121 -11.28 -7.59 -1.63
N ALA A 122 -12.01 -6.84 -2.44
CA ALA A 122 -11.93 -5.39 -2.46
C ALA A 122 -13.13 -4.70 -1.81
N ASP A 123 -12.85 -3.62 -1.08
CA ASP A 123 -13.90 -2.83 -0.42
C ASP A 123 -13.29 -1.46 -0.09
N GLY A 124 -12.58 -0.90 -1.07
CA GLY A 124 -11.95 0.40 -0.90
C GLY A 124 -10.55 0.36 -0.29
N GLY A 125 -9.69 1.24 -0.77
CA GLY A 125 -8.33 1.33 -0.25
C GLY A 125 -7.38 0.16 -0.52
N THR A 126 -7.54 -0.53 -1.63
CA THR A 126 -6.64 -1.66 -1.90
C THR A 126 -5.21 -1.19 -2.09
N ARG A 127 -5.03 -0.04 -2.71
CA ARG A 127 -3.67 0.45 -2.94
C ARG A 127 -3.01 0.82 -1.61
N THR A 128 -3.77 1.45 -0.71
CA THR A 128 -3.21 1.84 0.58
C THR A 128 -2.95 0.62 1.46
N ALA A 129 -3.82 -0.37 1.39
CA ALA A 129 -3.60 -1.59 2.17
C ALA A 129 -2.38 -2.30 1.57
N SER A 130 -2.29 -2.30 0.25
CA SER A 130 -1.17 -2.95 -0.44
C SER A 130 0.16 -2.41 0.07
N ILE A 131 0.32 -1.09 0.00
CA ILE A 131 1.56 -0.45 0.45
C ILE A 131 1.89 -0.82 1.87
N THR A 132 0.92 -0.64 2.76
CA THR A 132 1.13 -0.93 4.16
C THR A 132 1.50 -2.37 4.43
N GLY A 133 0.83 -3.28 3.73
CA GLY A 133 1.12 -4.69 3.93
C GLY A 133 2.42 -5.14 3.29
N ALA A 134 2.68 -4.67 2.08
CA ALA A 134 3.89 -5.03 1.35
C ALA A 134 5.15 -4.62 2.11
N THR A 135 5.08 -3.53 2.86
CA THR A 135 6.24 -3.08 3.63
C THR A 135 6.63 -4.13 4.66
N VAL A 136 5.64 -4.74 5.31
CA VAL A 136 5.94 -5.77 6.30
C VAL A 136 6.54 -6.98 5.59
N ALA A 137 6.01 -7.33 4.42
CA ALA A 137 6.54 -8.47 3.68
C ALA A 137 7.98 -8.18 3.30
N LEU A 138 8.24 -6.92 2.98
CA LEU A 138 9.57 -6.46 2.60
C LEU A 138 10.60 -6.69 3.72
N ILE A 139 10.22 -6.33 4.94
CA ILE A 139 11.10 -6.51 6.08
C ILE A 139 11.44 -7.98 6.22
N ASP A 140 10.42 -8.84 6.23
CA ASP A 140 10.67 -10.27 6.35
C ASP A 140 11.63 -10.74 5.26
N ALA A 141 11.45 -10.24 4.04
CA ALA A 141 12.30 -10.63 2.93
C ALA A 141 13.76 -10.25 3.16
N LEU A 142 13.99 -9.01 3.59
CA LEU A 142 15.34 -8.52 3.85
C LEU A 142 16.03 -9.40 4.89
N ALA A 143 15.27 -9.89 5.85
CA ALA A 143 15.85 -10.75 6.87
C ALA A 143 16.33 -12.03 6.17
N VAL A 144 15.52 -12.54 5.24
CA VAL A 144 15.90 -13.75 4.51
C VAL A 144 17.21 -13.54 3.76
N LEU A 145 17.28 -12.46 2.99
CA LEU A 145 18.49 -12.16 2.23
C LEU A 145 19.70 -11.92 3.14
N LYS A 146 19.45 -11.33 4.31
CA LYS A 146 20.54 -11.05 5.24
C LYS A 146 21.16 -12.38 5.64
N LYS A 147 20.34 -13.30 6.13
CA LYS A 147 20.80 -14.61 6.56
C LYS A 147 21.56 -15.31 5.43
N ARG A 148 21.17 -15.00 4.19
CA ARG A 148 21.83 -15.60 3.03
C ARG A 148 23.10 -14.85 2.67
N GLY A 149 23.38 -13.79 3.42
CA GLY A 149 24.58 -13.01 3.14
C GLY A 149 24.58 -12.48 1.72
N ALA A 150 23.45 -11.95 1.27
CA ALA A 150 23.34 -11.41 -0.08
C ALA A 150 23.22 -9.89 -0.05
N LEU A 151 23.15 -9.33 1.16
CA LEU A 151 23.03 -7.89 1.30
C LEU A 151 24.38 -7.20 1.47
N LYS A 152 24.33 -5.88 1.44
CA LYS A 152 25.50 -5.02 1.61
C LYS A 152 25.12 -3.98 2.65
N GLY A 153 24.77 -4.47 3.84
CA GLY A 153 24.35 -3.59 4.93
C GLY A 153 22.85 -3.75 5.12
N ASN A 154 22.23 -2.86 5.89
CA ASN A 154 20.80 -2.91 6.12
C ASN A 154 20.16 -1.83 5.26
N PRO A 155 19.63 -2.22 4.08
CA PRO A 155 18.98 -1.32 3.12
C PRO A 155 17.67 -0.67 3.54
N LEU A 156 17.18 -1.01 4.73
CA LEU A 156 15.92 -0.42 5.21
C LEU A 156 16.13 1.00 5.71
N LYS A 157 15.75 1.98 4.92
CA LYS A 157 15.89 3.37 5.33
C LYS A 157 14.83 3.74 6.35
N GLN A 158 13.59 3.33 6.10
CA GLN A 158 12.49 3.65 7.00
C GLN A 158 11.18 2.97 6.60
N MET A 159 10.30 2.75 7.58
CA MET A 159 9.00 2.13 7.30
C MET A 159 8.15 3.08 6.48
N VAL A 160 7.18 2.51 5.77
CA VAL A 160 6.29 3.27 4.91
C VAL A 160 4.87 2.71 4.99
N ALA A 161 3.89 3.59 5.19
CA ALA A 161 2.49 3.19 5.25
C ALA A 161 1.67 4.13 4.39
N ALA A 162 0.44 3.74 4.05
CA ALA A 162 -0.40 4.59 3.22
C ALA A 162 -1.85 4.56 3.66
N VAL A 163 -2.60 5.59 3.31
CA VAL A 163 -4.00 5.64 3.67
C VAL A 163 -4.71 6.68 2.83
N SER A 164 -6.03 6.53 2.70
CA SER A 164 -6.83 7.46 1.92
C SER A 164 -7.71 8.30 2.83
N VAL A 165 -8.25 9.39 2.27
CA VAL A 165 -9.17 10.29 2.95
C VAL A 165 -10.10 10.81 1.87
N GLY A 166 -11.35 11.06 2.22
CA GLY A 166 -12.30 11.55 1.23
C GLY A 166 -13.39 12.38 1.85
N ILE A 167 -13.97 13.28 1.05
CA ILE A 167 -15.03 14.13 1.53
C ILE A 167 -16.35 13.41 1.34
N TYR A 168 -16.88 12.87 2.44
CA TYR A 168 -18.14 12.15 2.41
C TYR A 168 -19.21 12.99 3.09
N GLN A 169 -20.32 13.22 2.39
CA GLN A 169 -21.40 14.00 2.95
C GLN A 169 -20.84 15.33 3.47
N GLY A 170 -19.82 15.83 2.79
CA GLY A 170 -19.21 17.11 3.16
C GLY A 170 -18.21 17.08 4.30
N VAL A 171 -17.78 15.90 4.71
CA VAL A 171 -16.83 15.81 5.82
C VAL A 171 -15.63 14.91 5.50
N PRO A 172 -14.42 15.35 5.90
CA PRO A 172 -13.23 14.54 5.63
C PRO A 172 -13.32 13.26 6.47
N VAL A 173 -13.21 12.11 5.83
CA VAL A 173 -13.25 10.84 6.56
C VAL A 173 -12.01 10.03 6.22
N LEU A 174 -11.52 9.31 7.21
CA LEU A 174 -10.30 8.52 7.07
C LEU A 174 -10.47 7.06 6.68
N ASP A 175 -9.70 6.63 5.69
CA ASP A 175 -9.71 5.25 5.21
C ASP A 175 -11.08 4.88 4.63
N LEU A 176 -11.29 5.24 3.37
CA LEU A 176 -12.55 5.01 2.67
C LEU A 176 -12.86 3.56 2.29
N ASP A 177 -14.12 3.14 2.52
CA ASP A 177 -14.51 1.81 2.11
C ASP A 177 -15.07 2.00 0.70
N TYR A 178 -15.56 0.93 0.07
CA TYR A 178 -16.07 1.07 -1.29
C TYR A 178 -17.23 2.06 -1.46
N LEU A 179 -18.21 1.98 -0.57
CA LEU A 179 -19.37 2.87 -0.65
C LEU A 179 -18.97 4.34 -0.65
N GLU A 180 -18.20 4.75 0.35
CA GLU A 180 -17.77 6.14 0.47
C GLU A 180 -16.95 6.57 -0.74
N ASP A 181 -16.01 5.72 -1.17
CA ASP A 181 -15.18 6.04 -2.31
C ASP A 181 -16.02 6.36 -3.54
N SER A 182 -17.06 5.58 -3.77
CA SER A 182 -17.96 5.80 -4.91
C SER A 182 -18.73 7.10 -4.76
N ALA A 183 -19.19 7.37 -3.54
CA ALA A 183 -19.95 8.57 -3.26
C ALA A 183 -19.09 9.83 -3.33
N ALA A 184 -17.97 9.84 -2.62
CA ALA A 184 -17.08 10.99 -2.59
C ALA A 184 -16.56 11.41 -3.96
N GLU A 185 -16.56 12.72 -4.21
CA GLU A 185 -16.08 13.26 -5.47
C GLU A 185 -14.67 13.82 -5.26
N THR A 186 -14.28 13.97 -4.01
CA THR A 186 -12.96 14.47 -3.66
C THR A 186 -12.30 13.47 -2.71
N ASP A 187 -11.13 12.98 -3.08
CA ASP A 187 -10.44 12.03 -2.24
C ASP A 187 -8.94 12.32 -2.24
N LEU A 188 -8.20 11.57 -1.46
CA LEU A 188 -6.77 11.77 -1.34
C LEU A 188 -6.12 10.50 -0.86
N ASN A 189 -5.04 10.09 -1.54
CA ASN A 189 -4.29 8.90 -1.16
C ASN A 189 -2.93 9.45 -0.71
N VAL A 190 -2.43 8.98 0.42
CA VAL A 190 -1.17 9.49 0.91
C VAL A 190 -0.23 8.38 1.38
N VAL A 191 1.04 8.55 1.08
CA VAL A 191 2.06 7.58 1.49
C VAL A 191 3.08 8.36 2.34
N MET A 192 3.35 7.86 3.54
CA MET A 192 4.28 8.53 4.46
C MET A 192 5.29 7.60 5.14
N THR A 193 6.30 8.20 5.75
CA THR A 193 7.34 7.44 6.47
C THR A 193 7.18 7.67 7.97
N ASP A 194 7.98 6.95 8.75
CA ASP A 194 7.98 7.06 10.20
C ASP A 194 8.26 8.50 10.63
N ALA A 195 9.34 9.05 10.08
CA ALA A 195 9.76 10.43 10.38
C ALA A 195 8.63 11.44 10.27
N GLY A 196 7.65 11.16 9.41
CA GLY A 196 6.53 12.07 9.25
C GLY A 196 6.59 12.80 7.91
N GLY A 197 7.39 12.28 6.99
CA GLY A 197 7.50 12.90 5.69
C GLY A 197 6.51 12.33 4.70
N PHE A 198 6.23 13.09 3.66
CA PHE A 198 5.33 12.66 2.62
C PHE A 198 6.19 12.16 1.48
N ILE A 199 5.82 11.02 0.93
CA ILE A 199 6.55 10.46 -0.19
C ILE A 199 5.60 10.49 -1.37
N GLU A 200 4.31 10.54 -1.06
CA GLU A 200 3.29 10.56 -2.10
C GLU A 200 1.99 11.18 -1.62
N VAL A 201 1.51 12.15 -2.39
CA VAL A 201 0.26 12.83 -2.07
C VAL A 201 -0.50 12.99 -3.37
N GLN A 202 -1.68 12.36 -3.45
CA GLN A 202 -2.51 12.47 -4.65
C GLN A 202 -3.96 12.77 -4.33
N GLY A 203 -4.43 13.93 -4.80
CA GLY A 203 -5.81 14.31 -4.55
C GLY A 203 -6.53 14.71 -5.82
N THR A 204 -7.75 14.22 -5.99
CA THR A 204 -8.53 14.53 -7.17
C THR A 204 -9.93 15.00 -6.77
N ALA A 205 -10.44 16.00 -7.49
CA ALA A 205 -11.77 16.53 -7.23
C ALA A 205 -12.61 16.42 -8.51
N GLU A 206 -13.67 15.63 -8.43
CA GLU A 206 -14.57 15.42 -9.56
C GLU A 206 -15.65 16.49 -9.63
N GLY A 207 -16.13 16.90 -8.46
CA GLY A 207 -17.16 17.92 -8.40
C GLY A 207 -16.55 19.24 -7.97
N ALA A 208 -17.04 19.76 -6.85
CA ALA A 208 -16.51 21.01 -6.35
C ALA A 208 -15.00 20.88 -6.10
N PRO A 209 -14.20 21.76 -6.69
CA PRO A 209 -12.74 21.70 -6.50
C PRO A 209 -12.43 21.93 -5.03
N PHE A 210 -11.51 21.17 -4.46
CA PHE A 210 -11.18 21.36 -3.05
C PHE A 210 -10.24 22.53 -2.87
N ARG A 211 -10.54 23.36 -1.87
CA ARG A 211 -9.72 24.52 -1.58
C ARG A 211 -8.60 24.16 -0.62
N PRO A 212 -7.57 25.00 -0.54
CA PRO A 212 -6.42 24.78 0.34
C PRO A 212 -6.72 24.27 1.74
N ALA A 213 -7.66 24.92 2.43
CA ALA A 213 -8.03 24.51 3.78
C ALA A 213 -8.49 23.05 3.82
N GLU A 214 -9.29 22.66 2.84
CA GLU A 214 -9.78 21.28 2.77
C GLU A 214 -8.61 20.32 2.66
N LEU A 215 -7.76 20.57 1.66
CA LEU A 215 -6.59 19.75 1.44
C LEU A 215 -5.81 19.58 2.73
N ASN A 216 -5.45 20.69 3.38
CA ASN A 216 -4.69 20.61 4.61
C ASN A 216 -5.41 19.82 5.69
N ALA A 217 -6.74 19.91 5.72
CA ALA A 217 -7.50 19.17 6.72
C ALA A 217 -7.42 17.68 6.39
N MET A 218 -7.57 17.34 5.12
CA MET A 218 -7.49 15.94 4.72
C MET A 218 -6.10 15.40 5.02
N LEU A 219 -5.10 16.21 4.72
CA LEU A 219 -3.72 15.83 4.97
C LEU A 219 -3.47 15.57 6.45
N GLU A 220 -4.01 16.42 7.31
CA GLU A 220 -3.83 16.24 8.74
C GLU A 220 -4.54 15.00 9.23
N LEU A 221 -5.72 14.71 8.69
CA LEU A 221 -6.44 13.51 9.11
C LEU A 221 -5.60 12.29 8.70
N ALA A 222 -5.17 12.27 7.43
CA ALA A 222 -4.34 11.18 6.93
C ALA A 222 -3.12 10.96 7.83
N GLN A 223 -2.41 12.04 8.16
CA GLN A 223 -1.24 11.96 9.01
C GLN A 223 -1.52 11.33 10.37
N GLN A 224 -2.70 11.61 10.91
CA GLN A 224 -3.10 11.09 12.21
C GLN A 224 -3.30 9.58 12.22
N GLY A 225 -4.09 9.08 11.28
CA GLY A 225 -4.32 7.64 11.23
C GLY A 225 -3.05 6.90 10.90
N MET A 226 -2.22 7.55 10.09
CA MET A 226 -0.95 6.99 9.64
C MET A 226 -0.15 6.40 10.81
N GLN A 227 -0.17 7.10 11.94
CA GLN A 227 0.55 6.65 13.12
C GLN A 227 0.09 5.31 13.65
N GLU A 228 -1.22 5.05 13.57
CA GLU A 228 -1.75 3.78 14.04
C GLU A 228 -1.22 2.66 13.13
N LEU A 229 -1.08 2.96 11.84
CA LEU A 229 -0.57 1.98 10.88
C LEU A 229 0.88 1.58 11.19
N PHE A 230 1.76 2.55 11.42
CA PHE A 230 3.15 2.24 11.73
C PHE A 230 3.21 1.36 12.97
N GLU A 231 2.27 1.59 13.86
CA GLU A 231 2.14 0.84 15.11
C GLU A 231 1.75 -0.61 14.82
N LEU A 232 0.75 -0.79 13.97
CA LEU A 232 0.28 -2.10 13.58
C LEU A 232 1.38 -2.91 12.89
N GLN A 233 2.17 -2.24 12.06
CA GLN A 233 3.25 -2.91 11.35
C GLN A 233 4.32 -3.42 12.32
N ARG A 234 4.71 -2.57 13.28
CA ARG A 234 5.72 -2.95 14.26
C ARG A 234 5.22 -4.12 15.09
N ALA A 235 3.94 -4.08 15.45
CA ALA A 235 3.34 -5.13 16.24
C ALA A 235 3.45 -6.46 15.48
N ALA A 236 3.01 -6.44 14.22
CA ALA A 236 3.07 -7.62 13.36
C ALA A 236 4.49 -8.17 13.28
N LEU A 237 5.45 -7.29 13.06
CA LEU A 237 6.84 -7.69 12.96
C LEU A 237 7.44 -8.24 14.25
N ALA A 238 6.72 -8.05 15.35
CA ALA A 238 7.20 -8.53 16.65
C ALA A 238 6.61 -9.91 16.94
N GLU A 239 6.15 -10.58 15.88
CA GLU A 239 5.55 -11.92 16.00
C GLU A 239 4.19 -11.87 16.68
P PO4 B . -8.39 1.65 -4.30
O1 PO4 B . -9.43 2.39 -3.60
O2 PO4 B . -7.09 1.97 -3.80
O3 PO4 B . -8.81 0.29 -4.29
O4 PO4 B . -8.50 2.17 -5.75
#